data_4L19
#
_entry.id   4L19
#
_cell.length_a   135.320
_cell.length_b   36.029
_cell.length_c   95.814
_cell.angle_alpha   90.00
_cell.angle_beta   130.23
_cell.angle_gamma   90.00
#
_symmetry.space_group_name_H-M   'C 1 2 1'
#
loop_
_entity.id
_entity.type
_entity.pdbx_description
1 polymer 'Collagenase 3'
2 non-polymer 'ZINC ION'
3 non-polymer 'CALCIUM ION'
4 non-polymer 'FORMIC ACID'
5 non-polymer 2-[(4-methylbenzyl)sulfanyl]-3,5,6,7-tetrahydro-4H-cyclopenta[d]pyrimidin-4-one
6 non-polymer GLYCEROL
7 water water
#
_entity_poly.entity_id   1
_entity_poly.type   'polypeptide(L)'
_entity_poly.pdbx_seq_one_letter_code
;YNVFPRTLKWSKMNLTYRIVNYTPDMTHSEVEKAFKKAFKVWSDVTPLNFTRLHDGIADIMISFGIKEHGDFYPFDGPSG
LLAHAFPPGPNYGGDAHFDDDETWTSSSKGYNLFLVAAHEFGHSLGLDHSKDPGALMFPIYTYTGKSHFMLPDDDVQGIQ
SLYGPGDEDPN
;
_entity_poly.pdbx_strand_id   A,B
#
# COMPACT_ATOMS: atom_id res chain seq x y z
N TYR A 1 -9.36 -14.15 -14.30
CA TYR A 1 -8.75 -12.96 -13.72
C TYR A 1 -8.00 -13.27 -12.45
N ASN A 2 -7.18 -12.31 -12.01
CA ASN A 2 -6.55 -12.40 -10.69
C ASN A 2 -6.68 -11.08 -9.94
N VAL A 3 -6.75 -11.17 -8.62
CA VAL A 3 -6.69 -9.98 -7.79
C VAL A 3 -5.40 -10.02 -6.99
N PHE A 4 -5.16 -9.02 -6.16
CA PHE A 4 -4.02 -9.06 -5.25
C PHE A 4 -4.48 -9.55 -3.88
N PRO A 5 -4.31 -10.85 -3.59
CA PRO A 5 -4.76 -11.34 -2.28
C PRO A 5 -3.84 -10.83 -1.18
N ARG A 6 -4.41 -10.46 -0.03
CA ARG A 6 -3.62 -10.04 1.11
C ARG A 6 -3.41 -11.19 2.07
N THR A 7 -2.20 -11.29 2.61
CA THR A 7 -1.96 -12.19 3.73
C THR A 7 -2.57 -11.56 4.97
N LEU A 8 -3.71 -12.10 5.41
CA LEU A 8 -4.44 -11.51 6.53
C LEU A 8 -3.69 -11.71 7.84
N LYS A 9 -2.91 -12.77 7.92
CA LYS A 9 -2.20 -13.10 9.15
C LYS A 9 -1.05 -14.05 8.88
N TRP A 10 -0.10 -14.10 9.81
CA TRP A 10 1.00 -15.04 9.70
C TRP A 10 0.44 -16.45 9.78
N SER A 11 0.95 -17.33 8.93
CA SER A 11 0.49 -18.71 8.90
C SER A 11 1.23 -19.55 9.92
N LYS A 12 2.18 -18.92 10.62
CA LYS A 12 2.93 -19.57 11.67
C LYS A 12 2.83 -18.76 12.95
N MET A 13 2.90 -19.44 14.10
CA MET A 13 2.76 -18.77 15.38
C MET A 13 4.10 -18.31 15.94
N ASN A 14 5.18 -18.94 15.51
CA ASN A 14 6.52 -18.60 15.97
C ASN A 14 7.21 -17.63 15.01
N LEU A 15 7.34 -16.39 15.44
CA LEU A 15 7.87 -15.33 14.59
C LEU A 15 9.21 -14.85 15.12
N THR A 16 10.05 -14.35 14.22
CA THR A 16 11.33 -13.78 14.63
C THR A 16 11.37 -12.28 14.39
N TYR A 17 12.18 -11.59 15.18
CA TYR A 17 12.46 -10.18 14.90
C TYR A 17 13.93 -9.88 15.05
N ARG A 18 14.35 -8.79 14.43
CA ARG A 18 15.74 -8.34 14.54
C ARG A 18 15.77 -6.84 14.70
N ILE A 19 16.52 -6.35 15.69
CA ILE A 19 16.73 -4.91 15.81
C ILE A 19 17.97 -4.56 15.00
N VAL A 20 17.76 -3.97 13.84
CA VAL A 20 18.84 -3.74 12.89
C VAL A 20 19.77 -2.62 13.33
N ASN A 21 19.18 -1.55 13.84
CA ASN A 21 19.98 -0.47 14.38
C ASN A 21 19.26 0.22 15.55
N TYR A 22 19.90 1.24 16.11
CA TYR A 22 19.41 1.80 17.37
C TYR A 22 19.36 3.32 17.35
N THR A 23 18.35 3.85 18.03
CA THR A 23 18.21 5.29 18.20
C THR A 23 19.28 5.83 19.14
N PRO A 24 19.71 7.08 18.93
CA PRO A 24 20.64 7.75 19.85
C PRO A 24 20.00 8.03 21.21
N ASP A 25 18.67 8.09 21.24
CA ASP A 25 17.93 8.66 22.35
C ASP A 25 17.88 7.80 23.62
N MET A 26 18.11 6.50 23.46
CA MET A 26 17.92 5.55 24.56
C MET A 26 19.09 4.56 24.53
N THR A 27 19.39 3.94 25.67
CA THR A 27 20.45 2.95 25.69
C THR A 27 20.00 1.72 24.92
N HIS A 28 20.96 0.90 24.49
CA HIS A 28 20.63 -0.36 23.81
C HIS A 28 19.68 -1.19 24.64
N SER A 29 19.95 -1.28 25.93
CA SER A 29 19.12 -2.10 26.83
C SER A 29 17.69 -1.57 26.91
N GLU A 30 17.55 -0.25 26.96
CA GLU A 30 16.23 0.38 27.01
C GLU A 30 15.44 0.09 25.73
N VAL A 31 16.13 0.14 24.61
CA VAL A 31 15.47 -0.10 23.32
C VAL A 31 15.01 -1.56 23.24
N GLU A 32 15.91 -2.46 23.62
CA GLU A 32 15.60 -3.89 23.61
C GLU A 32 14.44 -4.19 24.54
N LYS A 33 14.43 -3.55 25.71
CA LYS A 33 13.36 -3.79 26.68
C LYS A 33 12.02 -3.31 26.14
N ALA A 34 12.03 -2.14 25.50
CA ALA A 34 10.81 -1.56 24.95
C ALA A 34 10.20 -2.47 23.89
N PHE A 35 11.03 -2.97 22.97
CA PHE A 35 10.53 -3.85 21.92
C PHE A 35 10.08 -5.18 22.49
N LYS A 36 10.84 -5.72 23.44
CA LYS A 36 10.48 -6.97 24.08
C LYS A 36 9.10 -6.86 24.72
N LYS A 37 8.87 -5.76 25.43
CA LYS A 37 7.60 -5.54 26.11
C LYS A 37 6.48 -5.35 25.09
N ALA A 38 6.81 -4.69 23.98
CA ALA A 38 5.84 -4.42 22.93
C ALA A 38 5.34 -5.70 22.29
N PHE A 39 6.25 -6.64 22.06
CA PHE A 39 5.86 -7.96 21.54
C PHE A 39 5.05 -8.73 22.57
N LYS A 40 5.43 -8.59 23.84
CA LYS A 40 4.78 -9.33 24.92
C LYS A 40 3.30 -8.93 25.03
N VAL A 41 3.00 -7.68 24.71
CA VAL A 41 1.62 -7.20 24.67
C VAL A 41 0.74 -8.15 23.85
N TRP A 42 1.26 -8.58 22.70
CA TRP A 42 0.50 -9.42 21.79
C TRP A 42 0.63 -10.93 22.08
N SER A 43 1.80 -11.36 22.53
CA SER A 43 2.01 -12.78 22.79
C SER A 43 1.27 -13.20 24.06
N ASP A 44 1.00 -12.24 24.94
CA ASP A 44 0.29 -12.53 26.18
C ASP A 44 -1.15 -12.94 25.94
N VAL A 45 -1.70 -12.59 24.79
CA VAL A 45 -3.13 -12.85 24.55
C VAL A 45 -3.40 -13.69 23.32
N THR A 46 -2.36 -14.29 22.75
CA THR A 46 -2.48 -15.10 21.54
C THR A 46 -1.52 -16.28 21.64
N PRO A 47 -1.58 -17.22 20.68
CA PRO A 47 -0.55 -18.27 20.63
C PRO A 47 0.76 -17.81 19.99
N LEU A 48 0.84 -16.53 19.63
CA LEU A 48 2.04 -16.00 18.99
C LEU A 48 3.25 -16.03 19.92
N ASN A 49 4.40 -16.39 19.35
CA ASN A 49 5.67 -16.32 20.08
C ASN A 49 6.69 -15.54 19.27
N PHE A 50 7.55 -14.79 19.95
CA PHE A 50 8.54 -13.96 19.28
C PHE A 50 9.95 -14.24 19.78
N THR A 51 10.87 -14.44 18.84
CA THR A 51 12.25 -14.76 19.13
C THR A 51 13.12 -13.70 18.48
N ARG A 52 14.07 -13.17 19.23
CA ARG A 52 14.95 -12.15 18.70
C ARG A 52 16.15 -12.79 17.99
N LEU A 53 16.41 -12.35 16.75
CA LEU A 53 17.62 -12.75 16.03
C LEU A 53 18.60 -11.58 16.05
N HIS A 54 19.89 -11.90 16.10
CA HIS A 54 20.90 -10.85 16.12
C HIS A 54 21.52 -10.62 14.74
N ASP A 55 21.31 -11.56 13.84
CA ASP A 55 21.88 -11.51 12.50
C ASP A 55 20.87 -12.03 11.49
N GLY A 56 21.11 -11.72 10.22
CA GLY A 56 20.34 -12.28 9.13
C GLY A 56 18.92 -11.77 9.03
N ILE A 57 18.11 -12.52 8.30
CA ILE A 57 16.72 -12.14 8.05
C ILE A 57 15.76 -12.70 9.10
N ALA A 58 14.96 -11.80 9.66
CA ALA A 58 13.89 -12.16 10.57
C ALA A 58 12.58 -11.74 9.93
N ASP A 59 11.47 -12.28 10.43
CA ASP A 59 10.15 -11.92 9.92
C ASP A 59 9.88 -10.43 10.08
N ILE A 60 10.13 -9.93 11.28
CA ILE A 60 9.91 -8.53 11.59
C ILE A 60 11.25 -7.83 11.73
N MET A 61 11.64 -7.11 10.68
CA MET A 61 12.89 -6.36 10.70
C MET A 61 12.59 -4.96 11.24
N ILE A 62 13.27 -4.59 12.33
CA ILE A 62 13.03 -3.33 13.00
C ILE A 62 14.20 -2.38 12.79
N SER A 63 13.90 -1.15 12.39
CA SER A 63 14.98 -0.18 12.17
C SER A 63 14.54 1.26 12.43
N PHE A 64 15.53 2.10 12.67
CA PHE A 64 15.33 3.54 12.84
C PHE A 64 15.94 4.20 11.62
N GLY A 65 15.26 5.20 11.10
CA GLY A 65 15.72 5.92 9.92
C GLY A 65 15.08 7.30 9.86
N ILE A 66 15.60 8.15 8.98
CA ILE A 66 14.99 9.46 8.80
C ILE A 66 14.78 9.70 7.32
N LYS A 67 13.87 10.63 7.01
CA LYS A 67 13.61 11.03 5.64
C LYS A 67 13.42 9.80 4.75
N GLU A 68 14.00 9.82 3.56
CA GLU A 68 13.94 8.65 2.68
C GLU A 68 14.92 7.60 3.17
N HIS A 69 14.41 6.43 3.54
CA HIS A 69 15.21 5.43 4.22
C HIS A 69 15.09 4.05 3.59
N GLY A 70 14.64 3.98 2.34
CA GLY A 70 14.74 2.74 1.59
C GLY A 70 13.47 2.05 1.15
N ASP A 71 12.31 2.68 1.34
CA ASP A 71 11.06 2.07 0.89
C ASP A 71 10.14 3.06 0.17
N PHE A 72 10.67 4.25 -0.12
CA PHE A 72 9.91 5.32 -0.77
C PHE A 72 8.67 5.80 -0.01
N TYR A 73 8.59 5.45 1.28
CA TYR A 73 7.63 6.07 2.19
C TYR A 73 8.42 6.88 3.21
N PRO A 74 8.88 8.06 2.79
CA PRO A 74 9.86 8.79 3.61
C PRO A 74 9.26 9.40 4.86
N PHE A 75 10.09 9.53 5.89
CA PHE A 75 9.70 10.21 7.12
C PHE A 75 9.85 11.71 6.92
N ASP A 76 9.41 12.49 7.91
CA ASP A 76 9.16 13.91 7.70
C ASP A 76 9.78 14.83 8.75
N GLY A 77 10.87 14.41 9.37
CA GLY A 77 11.47 15.18 10.43
C GLY A 77 10.65 15.08 11.70
N PRO A 78 10.91 15.98 12.66
CA PRO A 78 10.24 15.97 13.97
C PRO A 78 8.71 16.06 13.86
N SER A 79 8.01 15.29 14.69
CA SER A 79 6.55 15.18 14.67
C SER A 79 5.99 14.69 13.35
N GLY A 80 4.67 14.80 13.19
CA GLY A 80 4.01 14.23 12.03
C GLY A 80 4.06 12.71 12.11
N LEU A 81 4.53 12.06 11.05
CA LEU A 81 4.69 10.62 11.04
C LEU A 81 5.70 10.21 12.11
N LEU A 82 5.39 9.17 12.87
CA LEU A 82 6.28 8.72 13.94
C LEU A 82 6.99 7.43 13.58
N ALA A 83 6.27 6.59 12.86
CA ALA A 83 6.71 5.24 12.55
C ALA A 83 5.73 4.63 11.57
N HIS A 84 6.13 3.58 10.86
CA HIS A 84 5.14 2.81 10.09
C HIS A 84 5.56 1.36 10.04
N ALA A 85 4.61 0.48 9.73
CA ALA A 85 4.90 -0.94 9.70
C ALA A 85 4.12 -1.62 8.59
N PHE A 86 4.69 -2.69 8.03
CA PHE A 86 4.03 -3.41 6.94
C PHE A 86 3.19 -4.58 7.45
N PRO A 87 2.03 -4.81 6.82
CA PRO A 87 1.17 -5.95 7.17
C PRO A 87 1.91 -7.28 6.95
N PRO A 88 1.39 -8.38 7.52
CA PRO A 88 2.05 -9.69 7.41
C PRO A 88 2.36 -10.08 5.95
N GLY A 89 3.49 -10.73 5.75
CA GLY A 89 3.90 -11.18 4.43
C GLY A 89 5.41 -11.36 4.36
N PRO A 90 5.91 -11.79 3.19
CA PRO A 90 7.36 -11.95 3.01
C PRO A 90 8.05 -10.60 2.80
N ASN A 91 9.38 -10.60 2.86
CA ASN A 91 10.17 -9.42 2.60
C ASN A 91 9.86 -8.26 3.55
N TYR A 92 9.43 -7.13 3.00
CA TYR A 92 9.12 -5.98 3.85
C TYR A 92 7.91 -6.24 4.76
N GLY A 93 7.09 -7.23 4.42
CA GLY A 93 5.95 -7.58 5.24
C GLY A 93 6.32 -7.78 6.70
N GLY A 94 5.55 -7.21 7.61
CA GLY A 94 5.87 -7.28 9.03
C GLY A 94 6.88 -6.27 9.54
N ASP A 95 7.75 -5.77 8.66
CA ASP A 95 8.82 -4.87 9.10
C ASP A 95 8.29 -3.58 9.72
N ALA A 96 9.05 -3.00 10.64
CA ALA A 96 8.65 -1.79 11.37
C ALA A 96 9.78 -0.77 11.36
N HIS A 97 9.44 0.47 10.99
CA HIS A 97 10.43 1.53 10.91
C HIS A 97 10.02 2.70 11.79
N PHE A 98 10.99 3.27 12.50
CA PHE A 98 10.73 4.36 13.42
C PHE A 98 11.51 5.60 13.00
N ASP A 99 10.84 6.74 13.02
CA ASP A 99 11.44 8.00 12.58
C ASP A 99 12.43 8.49 13.62
N ASP A 100 13.72 8.50 13.28
CA ASP A 100 14.72 8.90 14.25
C ASP A 100 14.92 10.41 14.30
N ASP A 101 14.02 11.16 13.67
CA ASP A 101 13.93 12.58 13.93
C ASP A 101 12.98 12.86 15.10
N GLU A 102 12.36 11.81 15.64
CA GLU A 102 11.60 11.95 16.89
C GLU A 102 12.53 11.71 18.06
N THR A 103 12.13 12.21 19.23
CA THR A 103 12.83 11.90 20.45
C THR A 103 12.12 10.73 21.11
N TRP A 104 12.81 9.59 21.11
CA TRP A 104 12.27 8.37 21.69
C TRP A 104 12.70 8.24 23.14
N THR A 105 11.76 7.82 23.99
CA THR A 105 12.03 7.71 25.43
C THR A 105 11.39 6.49 26.07
N SER A 106 11.77 6.22 27.31
CA SER A 106 11.08 5.21 28.08
C SER A 106 10.13 5.86 29.08
N SER A 107 9.79 7.12 28.82
CA SER A 107 8.92 7.89 29.72
C SER A 107 7.88 8.68 28.94
N SER A 108 7.45 9.80 29.53
CA SER A 108 6.46 10.67 28.91
C SER A 108 7.09 11.70 27.97
N LYS A 109 8.38 11.93 28.11
CA LYS A 109 9.08 12.87 27.25
C LYS A 109 9.04 12.31 25.84
N GLY A 110 9.02 13.20 24.86
CA GLY A 110 8.95 12.80 23.46
C GLY A 110 7.89 11.75 23.20
N TYR A 111 8.26 10.72 22.47
CA TYR A 111 7.35 9.61 22.21
C TYR A 111 7.86 8.34 22.87
N ASN A 112 6.96 7.70 23.62
CA ASN A 112 7.31 6.47 24.31
C ASN A 112 7.48 5.37 23.29
N LEU A 113 8.69 4.82 23.21
CA LEU A 113 9.01 3.82 22.20
C LEU A 113 8.18 2.55 22.38
N PHE A 114 8.04 2.09 23.62
CA PHE A 114 7.22 0.91 23.86
C PHE A 114 5.81 1.09 23.32
N LEU A 115 5.18 2.23 23.63
CA LEU A 115 3.81 2.48 23.19
C LEU A 115 3.73 2.48 21.68
N VAL A 116 4.63 3.21 21.04
CA VAL A 116 4.59 3.29 19.58
C VAL A 116 4.88 1.94 18.95
N ALA A 117 5.86 1.23 19.50
CA ALA A 117 6.22 -0.09 18.98
C ALA A 117 5.08 -1.09 19.13
N ALA A 118 4.39 -1.06 20.26
CA ALA A 118 3.28 -1.96 20.48
C ALA A 118 2.20 -1.74 19.43
N HIS A 119 1.91 -0.47 19.15
CA HIS A 119 0.95 -0.09 18.12
C HIS A 119 1.41 -0.58 16.75
N GLU A 120 2.66 -0.31 16.40
CA GLU A 120 3.16 -0.68 15.08
C GLU A 120 3.18 -2.19 14.89
N PHE A 121 3.52 -2.92 15.94
CA PHE A 121 3.56 -4.38 15.85
C PHE A 121 2.13 -4.91 15.65
N GLY A 122 1.15 -4.15 16.10
CA GLY A 122 -0.24 -4.50 15.83
C GLY A 122 -0.45 -4.56 14.33
N HIS A 123 0.11 -3.60 13.62
CA HIS A 123 0.06 -3.60 12.15
C HIS A 123 0.84 -4.77 11.56
N SER A 124 2.04 -5.00 12.08
CA SER A 124 2.87 -6.12 11.62
C SER A 124 2.13 -7.44 11.72
N LEU A 125 1.17 -7.51 12.65
CA LEU A 125 0.44 -8.75 12.90
C LEU A 125 -0.89 -8.84 12.15
N GLY A 126 -1.33 -7.73 11.58
CA GLY A 126 -2.50 -7.75 10.72
C GLY A 126 -3.65 -6.87 11.19
N LEU A 127 -3.40 -6.06 12.21
CA LEU A 127 -4.42 -5.15 12.71
C LEU A 127 -4.38 -3.79 12.03
N ASP A 128 -5.55 -3.31 11.65
CA ASP A 128 -5.67 -1.95 11.11
C ASP A 128 -6.05 -1.04 12.27
N HIS A 129 -6.35 0.22 11.98
CA HIS A 129 -6.71 1.18 13.02
C HIS A 129 -8.08 0.93 13.61
N SER A 130 -8.17 1.14 14.92
CA SER A 130 -9.44 1.04 15.64
C SER A 130 -10.13 2.39 15.64
N LYS A 131 -11.44 2.38 15.76
CA LYS A 131 -12.23 3.61 15.89
C LYS A 131 -12.46 3.93 17.36
N ASP A 132 -12.15 2.97 18.22
CA ASP A 132 -12.26 3.16 19.66
C ASP A 132 -11.09 4.01 20.13
N PRO A 133 -11.39 5.20 20.68
CA PRO A 133 -10.34 6.13 21.11
C PRO A 133 -9.50 5.61 22.28
N GLY A 134 -9.98 4.56 22.94
CA GLY A 134 -9.24 4.01 24.07
C GLY A 134 -8.35 2.85 23.67
N ALA A 135 -8.39 2.48 22.40
CA ALA A 135 -7.63 1.34 21.91
C ALA A 135 -6.18 1.69 21.64
N LEU A 136 -5.29 0.70 21.78
CA LEU A 136 -3.91 0.86 21.41
C LEU A 136 -3.80 1.14 19.91
N MET A 137 -4.70 0.54 19.13
CA MET A 137 -4.67 0.69 17.67
C MET A 137 -5.41 1.93 17.15
N PHE A 138 -5.80 2.82 18.06
CA PHE A 138 -6.34 4.12 17.66
C PHE A 138 -5.23 4.92 16.99
N PRO A 139 -5.56 5.71 15.95
CA PRO A 139 -4.56 6.45 15.16
C PRO A 139 -3.79 7.57 15.88
N ILE A 140 -4.21 7.98 17.08
CA ILE A 140 -3.58 9.11 17.74
C ILE A 140 -2.84 8.76 19.04
N TYR A 141 -1.59 9.22 19.13
CA TYR A 141 -0.76 8.93 20.29
C TYR A 141 -1.16 9.75 21.52
N THR A 142 -1.32 9.06 22.65
CA THR A 142 -1.46 9.69 23.95
C THR A 142 -0.62 8.91 24.97
N TYR A 143 -0.44 9.49 26.15
CA TYR A 143 0.37 8.85 27.20
C TYR A 143 -0.35 8.97 28.54
N THR A 144 -0.67 7.83 29.16
CA THR A 144 -1.48 7.82 30.39
C THR A 144 -0.74 8.27 31.65
N GLY A 145 0.59 8.18 31.64
CA GLY A 145 1.37 8.52 32.81
C GLY A 145 1.47 7.36 33.79
N LYS A 146 0.94 6.20 33.40
CA LYS A 146 0.93 5.04 34.29
C LYS A 146 2.13 4.12 34.11
N SER A 147 2.52 3.46 35.20
CA SER A 147 3.69 2.61 35.22
C SER A 147 3.43 1.24 34.59
N HIS A 148 2.17 0.83 34.61
CA HIS A 148 1.77 -0.44 34.02
C HIS A 148 0.92 -0.22 32.79
N PHE A 149 1.00 -1.16 31.85
CA PHE A 149 0.19 -1.14 30.65
C PHE A 149 -0.72 -2.36 30.61
N MET A 150 -1.98 -2.13 30.24
CA MET A 150 -2.94 -3.21 30.03
C MET A 150 -3.58 -3.04 28.67
N LEU A 151 -3.50 -4.08 27.84
CA LEU A 151 -4.02 -4.00 26.49
C LEU A 151 -5.55 -3.91 26.51
N PRO A 152 -6.11 -2.81 25.95
CA PRO A 152 -7.57 -2.60 25.93
C PRO A 152 -8.32 -3.77 25.29
N ASP A 153 -9.55 -3.98 25.71
N ASP A 153 -9.55 -3.98 25.71
CA ASP A 153 -10.34 -5.12 25.24
CA ASP A 153 -10.34 -5.13 25.25
C ASP A 153 -10.53 -5.12 23.73
C ASP A 153 -10.55 -5.12 23.73
N ASP A 154 -10.67 -3.94 23.15
CA ASP A 154 -10.87 -3.83 21.71
C ASP A 154 -9.71 -4.42 20.91
N ASP A 155 -8.49 -4.17 21.40
CA ASP A 155 -7.30 -4.69 20.74
C ASP A 155 -7.20 -6.20 20.95
N VAL A 156 -7.60 -6.66 22.14
CA VAL A 156 -7.58 -8.08 22.46
C VAL A 156 -8.52 -8.83 21.53
N GLN A 157 -9.73 -8.31 21.39
CA GLN A 157 -10.72 -8.92 20.50
C GLN A 157 -10.23 -8.94 19.06
N GLY A 158 -9.57 -7.87 18.64
CA GLY A 158 -9.04 -7.74 17.30
C GLY A 158 -7.95 -8.75 16.97
N ILE A 159 -6.95 -8.82 17.83
CA ILE A 159 -5.84 -9.75 17.59
C ILE A 159 -6.29 -11.21 17.74
N GLN A 160 -7.23 -11.47 18.65
CA GLN A 160 -7.72 -12.83 18.88
C GLN A 160 -8.62 -13.28 17.75
N SER A 161 -9.23 -12.32 17.06
CA SER A 161 -10.08 -12.65 15.92
C SER A 161 -9.24 -13.21 14.77
N LEU A 162 -7.93 -12.93 14.82
CA LEU A 162 -7.02 -13.44 13.79
C LEU A 162 -6.34 -14.71 14.23
N TYR A 163 -5.88 -14.75 15.47
CA TYR A 163 -4.98 -15.80 15.95
C TYR A 163 -5.55 -16.68 17.05
N GLY A 164 -6.67 -16.28 17.60
CA GLY A 164 -7.24 -17.00 18.73
C GLY A 164 -6.54 -16.60 20.00
N PRO A 165 -7.06 -17.05 21.15
CA PRO A 165 -6.53 -16.68 22.47
C PRO A 165 -5.33 -17.52 22.86
N GLY A 166 -4.66 -17.13 23.94
CA GLY A 166 -3.54 -17.90 24.45
C GLY A 166 -4.00 -18.95 25.44
N TYR B 1 -12.58 -2.86 16.68
CA TYR B 1 -11.32 -3.14 16.01
C TYR B 1 -11.51 -3.31 14.51
N ASN B 2 -10.41 -3.32 13.76
CA ASN B 2 -10.46 -3.57 12.33
C ASN B 2 -9.24 -4.34 11.85
N VAL B 3 -9.47 -5.42 11.12
CA VAL B 3 -8.39 -6.16 10.48
C VAL B 3 -8.24 -5.67 9.05
N PHE B 4 -7.15 -6.04 8.39
CA PHE B 4 -6.94 -5.61 7.01
C PHE B 4 -7.85 -6.40 6.07
N PRO B 5 -8.36 -5.74 5.02
CA PRO B 5 -9.20 -6.38 3.99
C PRO B 5 -8.55 -7.62 3.38
N ARG B 6 -9.37 -8.52 2.83
CA ARG B 6 -8.86 -9.76 2.24
C ARG B 6 -8.06 -9.50 0.96
N THR B 7 -8.50 -8.52 0.18
CA THR B 7 -7.81 -8.18 -1.06
C THR B 7 -7.47 -6.70 -1.08
N LEU B 8 -6.43 -6.34 -1.83
CA LEU B 8 -6.08 -4.94 -2.00
C LEU B 8 -7.14 -4.23 -2.84
N LYS B 9 -7.88 -3.33 -2.22
CA LYS B 9 -8.88 -2.56 -2.94
C LYS B 9 -9.13 -1.25 -2.24
N TRP B 10 -9.68 -0.29 -2.96
CA TRP B 10 -10.00 1.00 -2.37
C TRP B 10 -11.22 0.85 -1.46
N SER B 11 -11.17 1.48 -0.29
CA SER B 11 -12.27 1.38 0.66
C SER B 11 -13.28 2.51 0.47
N LYS B 12 -13.19 3.19 -0.66
CA LYS B 12 -14.13 4.25 -1.02
C LYS B 12 -14.41 4.15 -2.51
N MET B 13 -15.56 4.66 -2.94
CA MET B 13 -15.96 4.55 -4.34
C MET B 13 -15.57 5.79 -5.12
N ASN B 14 -15.38 6.90 -4.42
CA ASN B 14 -14.95 8.16 -5.03
C ASN B 14 -13.43 8.26 -5.05
N LEU B 15 -12.85 8.16 -6.25
CA LEU B 15 -11.41 8.24 -6.39
C LEU B 15 -11.04 9.45 -7.21
N THR B 16 -9.87 10.01 -6.93
CA THR B 16 -9.37 11.13 -7.71
C THR B 16 -8.15 10.72 -8.50
N TYR B 17 -7.93 11.39 -9.63
CA TYR B 17 -6.68 11.22 -10.34
C TYR B 17 -6.11 12.56 -10.77
N ARG B 18 -4.80 12.59 -11.00
CA ARG B 18 -4.16 13.81 -11.47
C ARG B 18 -3.14 13.45 -12.55
N ILE B 19 -3.22 14.13 -13.68
CA ILE B 19 -2.20 13.97 -14.72
C ILE B 19 -1.10 14.97 -14.39
N VAL B 20 -0.01 14.45 -13.82
CA VAL B 20 1.06 15.27 -13.27
C VAL B 20 1.88 15.94 -14.37
N ASN B 21 2.17 15.20 -15.42
CA ASN B 21 2.87 15.75 -16.57
C ASN B 21 2.43 15.00 -17.82
N TYR B 22 2.93 15.44 -18.97
CA TYR B 22 2.41 14.96 -20.24
C TYR B 22 3.50 14.50 -21.17
N THR B 23 3.18 13.49 -21.98
CA THR B 23 4.08 13.00 -23.00
C THR B 23 4.20 14.03 -24.11
N PRO B 24 5.37 14.08 -24.76
CA PRO B 24 5.49 14.93 -25.96
C PRO B 24 4.63 14.45 -27.13
N ASP B 25 4.25 13.17 -27.13
CA ASP B 25 3.74 12.53 -28.35
C ASP B 25 2.32 12.91 -28.75
N MET B 26 1.56 13.43 -27.80
CA MET B 26 0.15 13.70 -28.02
C MET B 26 -0.19 15.04 -27.41
N THR B 27 -1.28 15.65 -27.87
CA THR B 27 -1.74 16.91 -27.28
C THR B 27 -2.30 16.64 -25.89
N HIS B 28 -2.37 17.68 -25.08
CA HIS B 28 -2.96 17.57 -23.74
C HIS B 28 -4.37 17.00 -23.86
N SER B 29 -5.14 17.50 -24.82
N SER B 29 -5.13 17.50 -24.82
CA SER B 29 -6.52 17.06 -25.01
CA SER B 29 -6.51 17.07 -25.02
C SER B 29 -6.59 15.57 -25.33
C SER B 29 -6.58 15.56 -25.31
N GLU B 30 -5.70 15.10 -26.19
CA GLU B 30 -5.66 13.69 -26.56
C GLU B 30 -5.32 12.83 -25.36
N VAL B 31 -4.37 13.30 -24.57
CA VAL B 31 -3.96 12.56 -23.37
C VAL B 31 -5.12 12.51 -22.39
N GLU B 32 -5.72 13.66 -22.14
CA GLU B 32 -6.86 13.74 -21.21
C GLU B 32 -8.02 12.85 -21.65
N LYS B 33 -8.30 12.83 -22.95
CA LYS B 33 -9.37 12.01 -23.49
C LYS B 33 -9.09 10.52 -23.37
N ALA B 34 -7.85 10.13 -23.61
CA ALA B 34 -7.45 8.74 -23.46
C ALA B 34 -7.64 8.27 -22.01
N PHE B 35 -7.21 9.10 -21.06
CA PHE B 35 -7.32 8.70 -19.65
C PHE B 35 -8.77 8.70 -19.18
N LYS B 36 -9.54 9.71 -19.62
CA LYS B 36 -10.95 9.80 -19.28
C LYS B 36 -11.69 8.54 -19.75
N LYS B 37 -11.39 8.11 -20.96
CA LYS B 37 -12.00 6.93 -21.55
C LYS B 37 -11.57 5.66 -20.82
N ALA B 38 -10.30 5.60 -20.45
CA ALA B 38 -9.78 4.45 -19.71
C ALA B 38 -10.39 4.29 -18.32
N PHE B 39 -10.66 5.40 -17.65
CA PHE B 39 -11.37 5.31 -16.37
C PHE B 39 -12.83 4.89 -16.56
N LYS B 40 -13.45 5.37 -17.64
CA LYS B 40 -14.86 5.08 -17.88
C LYS B 40 -15.09 3.59 -18.11
N VAL B 41 -14.08 2.93 -18.66
CA VAL B 41 -14.15 1.49 -18.87
C VAL B 41 -14.48 0.79 -17.55
N TRP B 42 -13.84 1.24 -16.48
CA TRP B 42 -14.03 0.63 -15.17
C TRP B 42 -15.24 1.19 -14.44
N SER B 43 -15.48 2.49 -14.55
CA SER B 43 -16.60 3.10 -13.83
C SER B 43 -17.94 2.63 -14.40
N ASP B 44 -17.96 2.26 -15.69
CA ASP B 44 -19.20 1.83 -16.30
C ASP B 44 -19.71 0.51 -15.75
N VAL B 45 -18.82 -0.26 -15.14
CA VAL B 45 -19.23 -1.60 -14.69
C VAL B 45 -19.07 -1.80 -13.19
N THR B 46 -18.96 -0.70 -12.45
CA THR B 46 -18.77 -0.71 -11.01
C THR B 46 -19.50 0.51 -10.41
N PRO B 47 -19.51 0.63 -9.07
CA PRO B 47 -20.01 1.89 -8.51
C PRO B 47 -18.93 2.97 -8.40
N LEU B 48 -17.76 2.74 -9.01
CA LEU B 48 -16.65 3.70 -8.89
C LEU B 48 -16.91 4.99 -9.63
N ASN B 49 -16.46 6.10 -9.03
CA ASN B 49 -16.52 7.43 -9.63
C ASN B 49 -15.13 8.03 -9.64
N PHE B 50 -14.75 8.64 -10.76
CA PHE B 50 -13.42 9.24 -10.87
C PHE B 50 -13.50 10.73 -11.14
N THR B 51 -12.81 11.51 -10.33
CA THR B 51 -12.76 12.95 -10.52
C THR B 51 -11.32 13.37 -10.77
N ARG B 52 -11.11 14.16 -11.81
CA ARG B 52 -9.78 14.64 -12.13
C ARG B 52 -9.43 15.89 -11.30
N LEU B 53 -8.24 15.88 -10.72
CA LEU B 53 -7.69 17.04 -10.03
C LEU B 53 -6.64 17.69 -10.91
N HIS B 54 -6.59 19.02 -10.91
CA HIS B 54 -5.57 19.69 -11.71
C HIS B 54 -4.26 19.81 -10.95
N ASP B 55 -4.35 19.86 -9.63
CA ASP B 55 -3.17 19.99 -8.78
C ASP B 55 -3.40 19.27 -7.47
N GLY B 56 -2.36 19.19 -6.64
CA GLY B 56 -2.50 18.58 -5.33
C GLY B 56 -2.35 17.07 -5.34
N ILE B 57 -2.78 16.43 -4.27
CA ILE B 57 -2.59 14.99 -4.12
C ILE B 57 -3.88 14.25 -4.47
N ALA B 58 -3.79 13.38 -5.48
CA ALA B 58 -4.91 12.55 -5.91
C ALA B 58 -4.61 11.13 -5.49
N ASP B 59 -5.64 10.28 -5.49
CA ASP B 59 -5.45 8.87 -5.18
C ASP B 59 -4.57 8.22 -6.23
N ILE B 60 -4.89 8.50 -7.48
CA ILE B 60 -4.16 7.96 -8.61
C ILE B 60 -3.36 9.08 -9.31
N MET B 61 -2.06 9.12 -9.01
CA MET B 61 -1.18 10.11 -9.60
C MET B 61 -0.60 9.52 -10.87
N ILE B 62 -0.78 10.22 -11.99
CA ILE B 62 -0.35 9.72 -13.29
C ILE B 62 0.82 10.57 -13.79
N SER B 63 1.87 9.90 -14.25
CA SER B 63 3.00 10.62 -14.80
C SER B 63 3.70 9.88 -15.93
N PHE B 64 4.37 10.65 -16.77
CA PHE B 64 5.25 10.12 -17.80
C PHE B 64 6.69 10.37 -17.36
N GLY B 65 7.52 9.33 -17.41
CA GLY B 65 8.91 9.47 -17.02
C GLY B 65 9.78 8.48 -17.75
N ILE B 66 11.10 8.64 -17.65
CA ILE B 66 12.01 7.68 -18.23
C ILE B 66 13.01 7.19 -17.19
N LYS B 67 13.61 6.04 -17.47
CA LYS B 67 14.66 5.46 -16.65
C LYS B 67 14.29 5.52 -15.18
N GLU B 68 15.19 6.03 -14.36
CA GLU B 68 14.92 6.21 -12.93
C GLU B 68 14.01 7.40 -12.75
N HIS B 69 12.85 7.19 -12.12
CA HIS B 69 11.86 8.25 -11.99
C HIS B 69 11.21 8.32 -10.61
N GLY B 70 11.85 7.71 -9.62
CA GLY B 70 11.44 7.88 -8.23
C GLY B 70 10.80 6.68 -7.58
N ASP B 71 11.11 5.48 -8.08
CA ASP B 71 10.66 4.25 -7.44
C ASP B 71 11.63 3.11 -7.72
N PHE B 72 11.27 1.90 -7.32
CA PHE B 72 12.16 0.75 -7.47
C PHE B 72 12.02 0.08 -8.82
N TYR B 73 11.33 0.73 -9.74
CA TYR B 73 11.01 0.13 -11.02
C TYR B 73 11.41 1.02 -12.19
N PRO B 74 12.71 1.25 -12.38
CA PRO B 74 13.15 2.14 -13.46
C PRO B 74 12.74 1.61 -14.83
N PHE B 75 12.44 2.53 -15.74
CA PHE B 75 12.12 2.14 -17.10
C PHE B 75 13.39 1.84 -17.90
N ASP B 76 13.24 1.37 -19.12
CA ASP B 76 14.35 0.75 -19.83
C ASP B 76 14.61 1.28 -21.24
N GLY B 77 14.17 2.50 -21.52
CA GLY B 77 14.30 3.03 -22.87
C GLY B 77 13.23 2.47 -23.78
N PRO B 78 13.35 2.68 -25.09
CA PRO B 78 12.36 2.22 -26.07
C PRO B 78 12.06 0.72 -25.98
N SER B 79 10.80 0.36 -26.21
N SER B 79 10.79 0.37 -26.20
CA SER B 79 10.34 -1.03 -26.14
CA SER B 79 10.33 -1.03 -26.14
C SER B 79 10.53 -1.63 -24.75
C SER B 79 10.53 -1.63 -24.75
N GLY B 80 10.28 -2.93 -24.62
CA GLY B 80 10.39 -3.60 -23.33
C GLY B 80 9.28 -3.16 -22.41
N LEU B 81 9.63 -2.71 -21.20
CA LEU B 81 8.64 -2.18 -20.26
C LEU B 81 7.96 -0.94 -20.84
N LEU B 82 6.65 -0.86 -20.66
CA LEU B 82 5.84 0.23 -21.22
C LEU B 82 5.31 1.14 -20.14
N ALA B 83 4.93 0.55 -19.02
CA ALA B 83 4.23 1.27 -17.97
C ALA B 83 4.06 0.34 -16.81
N HIS B 84 3.75 0.91 -15.65
CA HIS B 84 3.35 0.10 -14.50
C HIS B 84 2.48 0.92 -13.57
N ALA B 85 1.77 0.23 -12.69
CA ALA B 85 0.91 0.90 -11.74
C ALA B 85 0.93 0.13 -10.44
N PHE B 86 0.69 0.85 -9.35
CA PHE B 86 0.72 0.24 -8.02
C PHE B 86 -0.70 -0.11 -7.60
N PRO B 87 -0.84 -1.22 -6.86
CA PRO B 87 -2.14 -1.63 -6.32
C PRO B 87 -2.68 -0.59 -5.35
N PRO B 88 -3.99 -0.65 -5.03
CA PRO B 88 -4.58 0.31 -4.08
C PRO B 88 -3.81 0.39 -2.77
N GLY B 89 -3.56 1.62 -2.32
CA GLY B 89 -2.87 1.83 -1.07
C GLY B 89 -2.44 3.28 -0.95
N PRO B 90 -1.79 3.63 0.16
CA PRO B 90 -1.36 5.00 0.42
C PRO B 90 -0.16 5.38 -0.43
N ASN B 91 0.10 6.69 -0.54
CA ASN B 91 1.26 7.19 -1.27
C ASN B 91 1.34 6.67 -2.71
N TYR B 92 2.37 5.91 -3.03
CA TYR B 92 2.53 5.39 -4.39
C TYR B 92 1.37 4.45 -4.81
N GLY B 93 0.60 3.97 -3.84
CA GLY B 93 -0.54 3.12 -4.13
C GLY B 93 -1.47 3.72 -5.17
N GLY B 94 -1.85 2.94 -6.18
CA GLY B 94 -2.76 3.42 -7.21
C GLY B 94 -2.11 4.23 -8.32
N ASP B 95 -0.91 4.75 -8.07
CA ASP B 95 -0.26 5.61 -9.05
C ASP B 95 0.10 4.84 -10.32
N ALA B 96 0.11 5.54 -11.45
CA ALA B 96 0.40 4.89 -12.73
C ALA B 96 1.50 5.67 -13.46
N HIS B 97 2.55 4.95 -13.86
CA HIS B 97 3.68 5.59 -14.54
C HIS B 97 3.80 5.04 -15.95
N PHE B 98 4.03 5.93 -16.91
CA PHE B 98 4.16 5.54 -18.30
C PHE B 98 5.57 5.89 -18.79
N ASP B 99 6.19 4.97 -19.52
CA ASP B 99 7.55 5.14 -20.01
C ASP B 99 7.54 6.11 -21.18
N ASP B 100 8.13 7.30 -20.98
CA ASP B 100 8.09 8.28 -22.03
C ASP B 100 9.19 8.08 -23.06
N ASP B 101 9.86 6.94 -23.03
CA ASP B 101 10.71 6.55 -24.15
C ASP B 101 9.92 5.75 -25.19
N GLU B 102 8.66 5.45 -24.90
CA GLU B 102 7.79 4.83 -25.90
C GLU B 102 7.12 5.89 -26.74
N THR B 103 6.59 5.49 -27.87
CA THR B 103 5.74 6.37 -28.66
C THR B 103 4.27 6.11 -28.33
N TRP B 104 3.65 7.10 -27.68
CA TRP B 104 2.25 6.99 -27.28
C TRP B 104 1.34 7.61 -28.34
N THR B 105 0.27 6.89 -28.69
CA THR B 105 -0.61 7.35 -29.76
C THR B 105 -2.07 7.20 -29.40
N SER B 106 -2.92 7.77 -30.24
CA SER B 106 -4.34 7.58 -30.13
C SER B 106 -4.77 6.72 -31.31
N SER B 107 -3.80 6.03 -31.90
CA SER B 107 -4.04 5.21 -33.09
C SER B 107 -3.50 3.80 -32.92
N SER B 108 -3.31 3.11 -34.04
CA SER B 108 -2.80 1.75 -34.04
C SER B 108 -1.28 1.74 -34.03
N LYS B 109 -0.67 2.90 -34.23
CA LYS B 109 0.78 3.04 -34.26
C LYS B 109 1.35 3.08 -32.85
N GLY B 110 2.64 2.77 -32.72
CA GLY B 110 3.30 2.77 -31.42
C GLY B 110 2.53 1.98 -30.37
N TYR B 111 2.33 2.58 -29.20
CA TYR B 111 1.45 2.01 -28.19
C TYR B 111 0.25 2.93 -27.93
N ASN B 112 -0.94 2.35 -28.02
CA ASN B 112 -2.18 3.12 -27.85
C ASN B 112 -2.35 3.49 -26.38
N LEU B 113 -2.38 4.78 -26.09
CA LEU B 113 -2.34 5.22 -24.71
C LEU B 113 -3.60 4.79 -23.96
N PHE B 114 -4.75 4.90 -24.62
CA PHE B 114 -6.00 4.44 -24.01
C PHE B 114 -5.94 2.99 -23.55
N LEU B 115 -5.47 2.10 -24.42
CA LEU B 115 -5.43 0.69 -24.06
C LEU B 115 -4.48 0.42 -22.91
N VAL B 116 -3.27 0.99 -22.97
CA VAL B 116 -2.31 0.75 -21.90
C VAL B 116 -2.80 1.34 -20.60
N ALA B 117 -3.37 2.56 -20.67
CA ALA B 117 -3.92 3.19 -19.47
C ALA B 117 -5.05 2.36 -18.86
N ALA B 118 -5.92 1.84 -19.71
CA ALA B 118 -7.07 1.07 -19.20
C ALA B 118 -6.58 -0.15 -18.44
N HIS B 119 -5.54 -0.80 -18.99
CA HIS B 119 -4.87 -1.91 -18.33
C HIS B 119 -4.19 -1.48 -17.03
N GLU B 120 -3.42 -0.40 -17.07
CA GLU B 120 -2.76 0.05 -15.85
C GLU B 120 -3.74 0.42 -14.76
N PHE B 121 -4.84 1.08 -15.14
CA PHE B 121 -5.83 1.49 -14.12
C PHE B 121 -6.50 0.25 -13.51
N GLY B 122 -6.54 -0.85 -14.27
CA GLY B 122 -6.98 -2.11 -13.68
C GLY B 122 -6.12 -2.48 -12.48
N HIS B 123 -4.81 -2.38 -12.68
CA HIS B 123 -3.86 -2.57 -11.58
C HIS B 123 -4.10 -1.55 -10.47
N SER B 124 -4.29 -0.28 -10.84
CA SER B 124 -4.53 0.77 -9.84
C SER B 124 -5.73 0.45 -8.97
N LEU B 125 -6.64 -0.36 -9.48
CA LEU B 125 -7.90 -0.65 -8.79
C LEU B 125 -7.89 -1.99 -8.08
N GLY B 126 -6.86 -2.79 -8.32
CA GLY B 126 -6.71 -4.02 -7.57
C GLY B 126 -6.66 -5.30 -8.39
N LEU B 127 -6.66 -5.18 -9.71
CA LEU B 127 -6.56 -6.38 -10.57
C LEU B 127 -5.11 -6.70 -10.93
N ASP B 128 -4.79 -7.98 -10.91
CA ASP B 128 -3.48 -8.44 -11.36
C ASP B 128 -3.70 -8.96 -12.77
N HIS B 129 -2.77 -9.75 -13.28
CA HIS B 129 -2.88 -10.24 -14.66
C HIS B 129 -3.81 -11.43 -14.80
N SER B 130 -4.39 -11.55 -15.98
CA SER B 130 -5.34 -12.60 -16.31
C SER B 130 -4.68 -13.59 -17.25
N LYS B 131 -5.16 -14.83 -17.26
CA LYS B 131 -4.62 -15.83 -18.19
C LYS B 131 -5.37 -15.88 -19.51
N ASP B 132 -6.47 -15.14 -19.60
CA ASP B 132 -7.27 -15.09 -20.81
C ASP B 132 -6.61 -14.14 -21.82
N PRO B 133 -6.13 -14.68 -22.95
CA PRO B 133 -5.46 -13.88 -23.98
C PRO B 133 -6.32 -12.77 -24.56
N GLY B 134 -7.63 -12.86 -24.36
CA GLY B 134 -8.54 -11.84 -24.83
C GLY B 134 -8.86 -10.77 -23.81
N ALA B 135 -8.39 -10.96 -22.58
CA ALA B 135 -8.70 -10.03 -21.50
C ALA B 135 -7.85 -8.77 -21.61
N LEU B 136 -8.40 -7.65 -21.14
CA LEU B 136 -7.64 -6.42 -21.04
C LEU B 136 -6.44 -6.60 -20.11
N MET B 137 -6.61 -7.43 -19.07
CA MET B 137 -5.54 -7.63 -18.08
C MET B 137 -4.55 -8.75 -18.43
N PHE B 138 -4.61 -9.25 -19.66
CA PHE B 138 -3.59 -10.17 -20.14
C PHE B 138 -2.25 -9.43 -20.07
N PRO B 139 -1.16 -10.14 -19.77
CA PRO B 139 0.10 -9.43 -19.50
C PRO B 139 0.80 -8.84 -20.72
N ILE B 140 0.38 -9.19 -21.93
CA ILE B 140 1.07 -8.73 -23.14
C ILE B 140 0.19 -7.83 -23.99
N TYR B 141 0.73 -6.65 -24.31
CA TYR B 141 0.05 -5.70 -25.18
C TYR B 141 -0.09 -6.23 -26.59
N THR B 142 -1.31 -6.18 -27.10
CA THR B 142 -1.56 -6.37 -28.51
C THR B 142 -2.58 -5.32 -28.91
N TYR B 143 -2.63 -5.01 -30.19
CA TYR B 143 -3.61 -4.07 -30.71
C TYR B 143 -4.20 -4.66 -31.96
N THR B 144 -5.42 -5.16 -31.92
CA THR B 144 -6.04 -5.34 -33.22
C THR B 144 -7.17 -4.35 -33.36
N GLY B 145 -7.09 -3.56 -34.42
CA GLY B 145 -7.96 -2.43 -34.58
C GLY B 145 -9.39 -2.73 -34.88
N LYS B 146 -10.14 -3.00 -33.83
CA LYS B 146 -11.58 -2.84 -33.92
C LYS B 146 -11.80 -1.39 -33.52
N SER B 147 -13.05 -0.96 -33.52
CA SER B 147 -13.38 0.41 -33.20
C SER B 147 -13.93 0.50 -31.78
N HIS B 148 -15.12 -0.04 -31.61
CA HIS B 148 -15.84 0.03 -30.36
C HIS B 148 -15.16 -0.89 -29.35
N PHE B 149 -14.39 -0.30 -28.43
CA PHE B 149 -13.81 -1.10 -27.35
C PHE B 149 -14.92 -1.61 -26.46
N MET B 150 -14.84 -2.88 -26.11
CA MET B 150 -15.78 -3.47 -25.14
C MET B 150 -14.95 -4.20 -24.11
N LEU B 151 -15.14 -3.85 -22.84
CA LEU B 151 -14.40 -4.53 -21.77
C LEU B 151 -14.74 -6.01 -21.76
N PRO B 152 -13.72 -6.87 -21.92
CA PRO B 152 -13.96 -8.32 -21.96
C PRO B 152 -14.56 -8.83 -20.66
N ASP B 153 -15.29 -9.94 -20.73
CA ASP B 153 -16.04 -10.39 -19.57
C ASP B 153 -15.14 -10.80 -18.42
N ASP B 154 -13.96 -11.33 -18.72
CA ASP B 154 -13.05 -11.72 -17.65
C ASP B 154 -12.71 -10.51 -16.76
N ASP B 155 -12.48 -9.37 -17.39
CA ASP B 155 -12.16 -8.17 -16.64
C ASP B 155 -13.39 -7.64 -15.90
N VAL B 156 -14.57 -7.76 -16.53
CA VAL B 156 -15.79 -7.36 -15.85
C VAL B 156 -15.97 -8.20 -14.58
N GLN B 157 -15.80 -9.51 -14.71
CA GLN B 157 -15.95 -10.38 -13.53
C GLN B 157 -14.93 -10.03 -12.45
N GLY B 158 -13.70 -9.74 -12.85
CA GLY B 158 -12.67 -9.44 -11.89
C GLY B 158 -12.92 -8.15 -11.14
N ILE B 159 -13.25 -7.10 -11.87
CA ILE B 159 -13.42 -5.81 -11.22
C ILE B 159 -14.66 -5.81 -10.33
N GLN B 160 -15.70 -6.54 -10.74
CA GLN B 160 -16.91 -6.59 -9.94
C GLN B 160 -16.75 -7.44 -8.68
N SER B 161 -15.81 -8.38 -8.71
CA SER B 161 -15.52 -9.17 -7.52
C SER B 161 -14.95 -8.29 -6.41
N LEU B 162 -14.33 -7.18 -6.80
CA LEU B 162 -13.78 -6.24 -5.85
C LEU B 162 -14.80 -5.18 -5.42
N TYR B 163 -15.51 -4.60 -6.38
CA TYR B 163 -16.32 -3.42 -6.10
C TYR B 163 -17.83 -3.58 -6.33
N GLY B 164 -18.25 -4.72 -6.86
CA GLY B 164 -19.64 -4.90 -7.22
C GLY B 164 -19.94 -4.24 -8.56
N PRO B 165 -21.14 -4.44 -9.09
CA PRO B 165 -21.49 -3.97 -10.44
C PRO B 165 -21.96 -2.51 -10.51
N GLY B 166 -22.28 -1.91 -9.37
CA GLY B 166 -22.94 -0.62 -9.39
C GLY B 166 -24.28 -0.80 -10.08
N ASP B 167 -24.77 0.24 -10.76
CA ASP B 167 -26.03 0.14 -11.48
C ASP B 167 -25.87 -0.78 -12.68
N GLU B 168 -26.61 -1.89 -12.67
CA GLU B 168 -26.46 -2.90 -13.70
C GLU B 168 -27.12 -2.49 -15.01
N ASP B 169 -27.92 -1.43 -14.97
CA ASP B 169 -28.56 -0.94 -16.19
C ASP B 169 -28.63 0.59 -16.16
N PRO B 170 -27.48 1.25 -16.38
CA PRO B 170 -27.42 2.71 -16.36
C PRO B 170 -27.70 3.31 -17.73
#